data_1FPK
#
_entry.id   1FPK
#
_cell.length_a   132.600
_cell.length_b   132.600
_cell.length_c   67.700
_cell.angle_alpha   90.00
_cell.angle_beta   90.00
_cell.angle_gamma   120.00
#
_symmetry.space_group_name_H-M   'P 32 2 1'
#
loop_
_entity.id
_entity.type
_entity.pdbx_description
1 polymer FRUCTOSE-1,6-BISPHOSPHATASE
2 non-polymer 'THALLIUM (I) ION'
#
_entity_poly.entity_id   1
_entity_poly.type   'polypeptide(L)'
_entity_poly.pdbx_seq_one_letter_code
;TDQAAFDTNIVTLTRFVMEQGRKARGTGEMTQLLNSLCTAVKAISTAVRKAGIAHLYGIAGSTNVTGDQVKKLDVLSNDL
VINVLKSSFATCVLVTEEDKNAIIVEPEKRGKYVVCFDPLDGSSNIDCLVSIGTIFGIYRKNSTDEPSEKDALQPGRNLV
AAGYALYGSATMLVLAMVNGVNCFMLDPAIGEFILVDRNVKIKKKGSIYSINEGYAKEFDPAITEYIQRKKFPPDNSAPY
GARYVGSMVADVHRTLVYGGIFMYPANKKSPKGKLRLLYECNPMAYVMEKAGGLATTGKEAVLDIVPTDIHQRAPIILGS
PEDVTELLEIYQKHA
;
_entity_poly.pdbx_strand_id   A,B
#
loop_
_chem_comp.id
_chem_comp.type
_chem_comp.name
_chem_comp.formula
TL non-polymer 'THALLIUM (I) ION' 'Tl 1'
#
# COMPACT_ATOMS: atom_id res chain seq x y z
N ASP A 7 22.27 -16.92 1.73
CA ASP A 7 22.00 -18.33 1.49
C ASP A 7 23.09 -18.83 0.48
N THR A 8 23.67 -20.02 0.70
CA THR A 8 24.73 -20.55 -0.18
C THR A 8 24.31 -20.80 -1.62
N ASN A 9 23.44 -21.78 -1.86
CA ASN A 9 22.97 -22.04 -3.22
C ASN A 9 21.78 -21.12 -3.33
N ILE A 10 22.08 -19.86 -3.62
CA ILE A 10 21.06 -18.85 -3.75
C ILE A 10 20.57 -18.94 -5.17
N VAL A 11 19.29 -19.20 -5.31
CA VAL A 11 18.71 -19.29 -6.62
C VAL A 11 18.28 -17.90 -7.01
N THR A 12 19.15 -17.26 -7.79
CA THR A 12 18.89 -15.93 -8.27
C THR A 12 17.86 -15.96 -9.40
N LEU A 13 17.27 -14.81 -9.74
CA LEU A 13 16.32 -14.77 -10.84
C LEU A 13 17.04 -15.23 -12.09
N THR A 14 18.30 -14.80 -12.20
CA THR A 14 19.14 -15.14 -13.33
C THR A 14 19.51 -16.63 -13.39
N ARG A 15 19.85 -17.24 -12.25
CA ARG A 15 20.19 -18.67 -12.23
C ARG A 15 18.96 -19.38 -12.78
N PHE A 16 17.80 -18.91 -12.31
CA PHE A 16 16.51 -19.46 -12.69
C PHE A 16 16.14 -19.29 -14.19
N VAL A 17 16.21 -18.06 -14.70
CA VAL A 17 15.87 -17.77 -16.10
C VAL A 17 16.87 -18.45 -17.07
N MET A 18 18.15 -18.48 -16.69
CA MET A 18 19.18 -19.10 -17.52
C MET A 18 18.96 -20.60 -17.55
N GLU A 19 18.71 -21.20 -16.39
CA GLU A 19 18.46 -22.64 -16.30
C GLU A 19 17.20 -23.09 -17.08
N GLN A 20 16.10 -22.31 -17.07
CA GLN A 20 14.96 -22.74 -17.86
C GLN A 20 15.24 -22.42 -19.35
N GLY A 21 15.92 -21.28 -19.62
CA GLY A 21 16.27 -20.87 -20.99
C GLY A 21 17.06 -21.94 -21.73
N ARG A 22 17.97 -22.62 -21.04
CA ARG A 22 18.78 -23.68 -21.64
C ARG A 22 17.90 -24.72 -22.33
N LYS A 23 16.71 -24.96 -21.78
CA LYS A 23 15.77 -25.95 -22.30
C LYS A 23 15.06 -25.57 -23.62
N ALA A 24 15.17 -24.33 -24.07
CA ALA A 24 14.55 -23.94 -25.32
C ALA A 24 15.61 -24.10 -26.41
N ARG A 25 16.82 -24.50 -25.98
CA ARG A 25 17.97 -24.65 -26.87
C ARG A 25 18.01 -23.33 -27.56
N GLY A 26 18.29 -22.32 -26.74
CA GLY A 26 18.30 -20.95 -27.20
C GLY A 26 19.64 -20.24 -27.37
N THR A 27 19.54 -18.92 -27.55
CA THR A 27 20.65 -17.99 -27.78
C THR A 27 21.15 -17.24 -26.53
N GLY A 28 20.29 -17.16 -25.51
CA GLY A 28 20.65 -16.47 -24.28
C GLY A 28 20.10 -15.06 -24.11
N GLU A 29 19.31 -14.56 -25.06
CA GLU A 29 18.75 -13.18 -24.99
C GLU A 29 17.68 -13.01 -23.85
N MET A 30 16.86 -14.02 -23.51
CA MET A 30 15.84 -13.85 -22.41
C MET A 30 16.51 -13.50 -21.13
N THR A 31 17.61 -14.19 -20.93
CA THR A 31 18.43 -14.05 -19.77
C THR A 31 19.12 -12.71 -19.75
N GLN A 32 19.59 -12.28 -20.91
CA GLN A 32 20.23 -10.99 -21.01
C GLN A 32 19.19 -9.90 -20.75
N LEU A 33 18.03 -10.07 -21.40
CA LEU A 33 16.93 -9.13 -21.28
C LEU A 33 16.58 -8.94 -19.83
N LEU A 34 16.11 -10.01 -19.21
CA LEU A 34 15.72 -9.96 -17.83
C LEU A 34 16.90 -9.47 -16.93
N ASN A 35 18.13 -9.96 -17.13
CA ASN A 35 19.24 -9.49 -16.27
C ASN A 35 19.43 -8.02 -16.34
N SER A 36 19.21 -7.50 -17.54
CA SER A 36 19.35 -6.08 -17.70
C SER A 36 18.16 -5.34 -17.11
N LEU A 37 16.97 -5.88 -17.28
CA LEU A 37 15.76 -5.27 -16.75
C LEU A 37 15.92 -5.16 -15.23
N CYS A 38 16.40 -6.25 -14.61
CA CYS A 38 16.62 -6.29 -13.17
C CYS A 38 17.35 -5.06 -12.64
N THR A 39 18.41 -4.71 -13.35
CA THR A 39 19.23 -3.57 -13.01
C THR A 39 18.38 -2.27 -12.97
N ALA A 40 17.41 -2.09 -13.89
CA ALA A 40 16.55 -0.89 -13.90
C ALA A 40 15.68 -0.94 -12.66
N VAL A 41 15.13 -2.11 -12.38
CA VAL A 41 14.29 -2.33 -11.22
C VAL A 41 15.02 -1.93 -9.88
N LYS A 42 16.17 -2.54 -9.57
CA LYS A 42 16.94 -2.22 -8.33
C LYS A 42 17.10 -0.73 -8.21
N ALA A 43 17.61 -0.12 -9.27
CA ALA A 43 17.82 1.31 -9.28
C ALA A 43 16.53 2.11 -9.03
N ILE A 44 15.41 1.71 -9.64
CA ILE A 44 14.16 2.42 -9.42
C ILE A 44 13.75 2.20 -7.94
N SER A 45 13.83 0.96 -7.46
CA SER A 45 13.49 0.65 -6.07
C SER A 45 14.25 1.55 -5.11
N THR A 46 15.54 1.75 -5.40
CA THR A 46 16.40 2.58 -4.59
C THR A 46 16.02 4.04 -4.69
N ALA A 47 15.62 4.44 -5.89
CA ALA A 47 15.20 5.80 -6.10
C ALA A 47 13.92 6.08 -5.31
N VAL A 48 13.00 5.13 -5.33
CA VAL A 48 11.75 5.32 -4.61
C VAL A 48 11.95 5.28 -3.06
N ARG A 49 12.73 4.32 -2.56
CA ARG A 49 12.97 4.22 -1.11
C ARG A 49 13.52 5.50 -0.46
N LYS A 50 13.94 6.48 -1.25
CA LYS A 50 14.38 7.75 -0.67
C LYS A 50 13.93 8.96 -1.50
N ALA A 51 12.82 8.81 -2.23
CA ALA A 51 12.24 9.89 -3.06
C ALA A 51 11.39 10.81 -2.27
N GLY A 52 12.03 11.35 -1.24
CA GLY A 52 11.36 12.27 -0.38
C GLY A 52 12.42 13.07 0.39
N ILE A 53 13.68 12.66 0.24
CA ILE A 53 14.85 13.30 0.87
C ILE A 53 15.44 14.25 -0.24
N ALA A 54 15.32 15.58 -0.06
CA ALA A 54 15.80 16.61 -1.03
C ALA A 54 16.14 17.90 -0.29
N LYS A 72 7.56 13.43 -12.70
CA LYS A 72 9.03 13.53 -12.85
C LYS A 72 9.74 12.16 -12.77
N LEU A 73 9.92 11.63 -11.56
CA LEU A 73 10.60 10.33 -11.29
C LEU A 73 10.45 9.38 -12.47
N ASP A 74 9.22 9.25 -12.94
CA ASP A 74 8.88 8.44 -14.09
C ASP A 74 10.01 8.41 -15.12
N VAL A 75 10.37 9.61 -15.54
CA VAL A 75 11.40 9.82 -16.54
C VAL A 75 12.77 9.20 -16.17
N LEU A 76 13.31 9.40 -14.94
CA LEU A 76 14.61 8.78 -14.61
C LEU A 76 14.34 7.29 -14.82
N SER A 77 13.28 6.79 -14.17
CA SER A 77 12.88 5.40 -14.27
C SER A 77 12.81 4.95 -15.76
N ASN A 78 12.18 5.76 -16.60
CA ASN A 78 12.00 5.48 -18.03
C ASN A 78 13.30 5.41 -18.79
N ASP A 79 14.05 6.50 -18.74
CA ASP A 79 15.32 6.58 -19.45
C ASP A 79 16.20 5.45 -19.03
N LEU A 80 16.05 5.08 -17.76
CA LEU A 80 16.80 4.00 -17.18
C LEU A 80 16.45 2.68 -17.84
N VAL A 81 15.16 2.41 -18.01
CA VAL A 81 14.74 1.15 -18.61
C VAL A 81 15.14 1.00 -20.08
N ILE A 82 14.91 2.06 -20.84
CA ILE A 82 15.27 2.06 -22.25
C ILE A 82 16.74 1.73 -22.34
N ASN A 83 17.53 2.38 -21.50
CA ASN A 83 18.96 2.17 -21.51
C ASN A 83 19.43 0.80 -21.21
N VAL A 84 18.91 0.25 -20.14
CA VAL A 84 19.31 -1.08 -19.79
C VAL A 84 18.92 -2.03 -20.91
N LEU A 85 17.71 -1.87 -21.41
CA LEU A 85 17.22 -2.73 -22.47
C LEU A 85 17.92 -2.60 -23.84
N LYS A 86 18.38 -1.43 -24.23
CA LYS A 86 19.07 -1.30 -25.52
C LYS A 86 20.33 -2.11 -25.45
N SER A 87 21.08 -1.83 -24.39
CA SER A 87 22.34 -2.48 -24.12
C SER A 87 22.30 -3.98 -23.89
N SER A 88 21.10 -4.52 -23.74
CA SER A 88 20.92 -5.94 -23.52
C SER A 88 21.27 -6.76 -24.74
N PHE A 89 21.18 -6.11 -25.90
CA PHE A 89 21.39 -6.76 -27.18
C PHE A 89 20.29 -7.81 -27.32
N ALA A 90 19.08 -7.50 -26.84
CA ALA A 90 17.97 -8.45 -26.92
C ALA A 90 16.67 -7.87 -27.42
N THR A 91 16.64 -6.55 -27.52
CA THR A 91 15.46 -5.79 -27.93
C THR A 91 15.55 -5.38 -29.40
N CYS A 92 14.57 -4.63 -29.87
CA CYS A 92 14.53 -4.12 -31.24
C CYS A 92 13.36 -3.15 -31.36
N VAL A 93 12.28 -3.43 -30.62
CA VAL A 93 11.15 -2.52 -30.56
C VAL A 93 10.85 -2.40 -29.04
N LEU A 94 10.65 -1.19 -28.54
CA LEU A 94 10.34 -0.95 -27.12
C LEU A 94 9.09 -0.02 -27.14
N VAL A 95 8.04 -0.35 -26.39
CA VAL A 95 6.80 0.44 -26.34
C VAL A 95 6.68 0.85 -24.90
N THR A 96 6.83 2.15 -24.66
CA THR A 96 6.78 2.68 -23.31
C THR A 96 5.59 3.62 -23.19
N GLU A 97 5.02 3.59 -21.99
CA GLU A 97 3.87 4.40 -21.66
C GLU A 97 4.18 5.82 -22.02
N GLU A 98 5.37 6.22 -21.63
CA GLU A 98 5.86 7.56 -21.82
C GLU A 98 6.21 8.08 -23.24
N ASP A 99 6.39 7.23 -24.24
CA ASP A 99 6.73 7.71 -25.58
C ASP A 99 5.62 7.57 -26.60
N LYS A 100 5.38 8.64 -27.35
CA LYS A 100 4.36 8.70 -28.39
C LYS A 100 4.53 7.55 -29.36
N ASN A 101 5.77 7.38 -29.80
CA ASN A 101 6.09 6.33 -30.74
C ASN A 101 6.92 5.25 -30.08
N ALA A 102 6.98 4.08 -30.72
CA ALA A 102 7.79 2.98 -30.21
C ALA A 102 9.25 3.38 -30.44
N ILE A 103 10.15 2.70 -29.75
CA ILE A 103 11.57 2.98 -29.84
C ILE A 103 12.18 1.81 -30.60
N ILE A 104 12.90 2.11 -31.68
CA ILE A 104 13.52 1.06 -32.49
C ILE A 104 14.95 1.03 -32.20
N VAL A 105 15.35 -0.12 -31.70
CA VAL A 105 16.70 -0.36 -31.32
C VAL A 105 17.63 -0.36 -32.50
N GLU A 106 18.72 0.36 -32.33
CA GLU A 106 19.75 0.49 -33.35
C GLU A 106 20.22 -0.91 -33.70
N PRO A 107 20.54 -1.14 -34.98
CA PRO A 107 21.02 -2.42 -35.49
C PRO A 107 22.17 -3.09 -34.82
N GLU A 108 23.16 -2.29 -34.50
CA GLU A 108 24.32 -2.79 -33.83
C GLU A 108 23.94 -3.53 -32.58
N LYS A 109 22.88 -3.03 -31.99
CA LYS A 109 22.37 -3.58 -30.76
C LYS A 109 20.99 -4.33 -30.82
N ARG A 110 20.35 -4.48 -31.99
CA ARG A 110 19.05 -5.19 -32.09
C ARG A 110 19.17 -6.69 -31.73
N GLY A 111 18.04 -7.28 -31.33
CA GLY A 111 17.94 -8.69 -30.95
C GLY A 111 16.51 -9.10 -31.25
N LYS A 112 16.14 -10.34 -30.91
CA LYS A 112 14.80 -10.85 -31.20
C LYS A 112 13.55 -10.46 -30.37
N TYR A 113 13.69 -9.67 -29.31
CA TYR A 113 12.54 -9.34 -28.45
C TYR A 113 11.98 -7.94 -28.51
N VAL A 114 10.69 -7.88 -28.20
CA VAL A 114 9.89 -6.69 -28.20
C VAL A 114 9.39 -6.46 -26.75
N VAL A 115 9.67 -5.33 -26.11
CA VAL A 115 9.21 -5.14 -24.74
C VAL A 115 8.31 -3.91 -24.58
N CYS A 116 7.13 -4.11 -24.01
CA CYS A 116 6.21 -3.03 -23.73
C CYS A 116 6.29 -2.94 -22.23
N PHE A 117 6.27 -1.72 -21.70
CA PHE A 117 6.37 -1.59 -20.26
C PHE A 117 5.89 -0.24 -19.79
N ASP A 118 5.39 -0.25 -18.58
CA ASP A 118 5.00 0.97 -17.92
C ASP A 118 6.16 0.94 -16.95
N PRO A 119 7.06 1.92 -17.03
CA PRO A 119 8.23 2.01 -16.17
C PRO A 119 8.01 2.26 -14.72
N LEU A 120 6.94 2.97 -14.44
CA LEU A 120 6.63 3.32 -13.08
C LEU A 120 5.21 3.76 -13.05
N ASP A 121 4.48 2.95 -12.34
CA ASP A 121 3.08 3.05 -12.20
C ASP A 121 2.51 3.66 -10.96
N GLY A 122 1.66 4.64 -11.18
CA GLY A 122 1.02 5.34 -10.08
C GLY A 122 2.00 6.30 -9.45
N SER A 123 2.75 7.00 -10.29
CA SER A 123 3.75 7.93 -9.80
C SER A 123 3.21 8.97 -8.79
N SER A 124 2.01 9.49 -9.04
CA SER A 124 1.35 10.45 -8.16
C SER A 124 1.16 9.82 -6.77
N ASN A 125 0.91 8.52 -6.75
CA ASN A 125 0.70 7.75 -5.52
C ASN A 125 1.95 7.61 -4.62
N ILE A 126 3.13 8.06 -5.08
CA ILE A 126 4.36 7.94 -4.28
C ILE A 126 4.39 8.98 -3.13
N ASP A 127 3.60 10.06 -3.23
CA ASP A 127 3.57 11.10 -2.19
C ASP A 127 2.86 10.60 -0.95
N CYS A 128 1.91 9.71 -1.16
CA CYS A 128 1.10 9.14 -0.10
C CYS A 128 1.70 7.76 0.34
N LEU A 129 2.87 7.38 -0.20
CA LEU A 129 3.57 6.10 0.10
C LEU A 129 2.94 4.81 -0.29
N VAL A 130 2.22 4.90 -1.39
CA VAL A 130 1.53 3.78 -1.97
C VAL A 130 2.51 2.87 -2.66
N SER A 131 2.30 1.59 -2.46
CA SER A 131 3.10 0.54 -3.05
C SER A 131 2.90 0.77 -4.61
N ILE A 132 3.98 1.10 -5.33
CA ILE A 132 3.94 1.36 -6.80
C ILE A 132 4.70 0.20 -7.52
N GLY A 133 4.86 0.27 -8.86
CA GLY A 133 5.58 -0.78 -9.60
C GLY A 133 5.89 -0.53 -11.07
N THR A 134 6.61 -1.46 -11.69
CA THR A 134 7.00 -1.39 -13.09
C THR A 134 6.40 -2.67 -13.70
N ILE A 135 5.62 -2.51 -14.78
CA ILE A 135 4.96 -3.63 -15.43
C ILE A 135 5.56 -3.75 -16.84
N PHE A 136 5.82 -4.97 -17.30
CA PHE A 136 6.42 -5.19 -18.61
C PHE A 136 5.87 -6.42 -19.28
N GLY A 137 5.93 -6.42 -20.60
CA GLY A 137 5.47 -7.53 -21.40
C GLY A 137 6.51 -7.64 -22.50
N ILE A 138 6.90 -8.87 -22.79
CA ILE A 138 7.93 -9.16 -23.77
C ILE A 138 7.32 -10.01 -24.93
N TYR A 139 7.51 -9.60 -26.19
CA TYR A 139 7.03 -10.34 -27.38
C TYR A 139 8.26 -10.75 -28.17
N ARG A 140 8.08 -11.64 -29.15
CA ARG A 140 9.17 -12.15 -29.98
C ARG A 140 8.82 -11.57 -31.38
N LYS A 141 9.77 -10.91 -32.03
CA LYS A 141 9.47 -10.37 -33.36
C LYS A 141 9.50 -11.59 -34.30
N ASN A 142 8.32 -12.00 -34.76
CA ASN A 142 8.22 -13.17 -35.65
C ASN A 142 8.45 -12.86 -37.13
N SER A 143 8.09 -11.66 -37.58
CA SER A 143 8.25 -11.30 -39.00
C SER A 143 9.67 -10.86 -39.40
N THR A 144 9.90 -10.92 -40.70
CA THR A 144 11.18 -10.61 -41.34
C THR A 144 11.58 -9.17 -41.70
N ASP A 145 10.64 -8.23 -41.77
CA ASP A 145 10.99 -6.87 -42.14
C ASP A 145 11.59 -6.00 -41.03
N GLU A 146 11.82 -4.72 -41.34
CA GLU A 146 12.39 -3.75 -40.40
C GLU A 146 11.50 -3.70 -39.17
N PRO A 147 12.09 -3.75 -37.96
CA PRO A 147 11.31 -3.70 -36.71
C PRO A 147 10.38 -2.51 -36.78
N SER A 148 9.18 -2.69 -36.25
CA SER A 148 8.18 -1.64 -36.31
C SER A 148 7.02 -1.85 -35.28
N GLU A 149 6.19 -0.82 -35.05
CA GLU A 149 5.01 -0.86 -34.12
C GLU A 149 4.18 -2.13 -34.33
N LYS A 150 3.97 -2.49 -35.60
CA LYS A 150 3.19 -3.66 -35.96
C LYS A 150 3.59 -4.89 -35.16
N ASP A 151 4.89 -5.05 -34.98
CA ASP A 151 5.41 -6.17 -34.22
C ASP A 151 4.85 -6.15 -32.78
N ALA A 152 4.67 -4.94 -32.26
CA ALA A 152 4.14 -4.75 -30.91
C ALA A 152 2.62 -4.94 -30.91
N LEU A 153 2.00 -4.85 -32.09
CA LEU A 153 0.55 -5.01 -32.23
C LEU A 153 0.11 -6.46 -32.23
N GLN A 154 0.61 -7.23 -31.27
CA GLN A 154 0.24 -8.64 -31.16
C GLN A 154 -0.72 -8.82 -29.99
N PRO A 155 -1.55 -9.88 -30.01
CA PRO A 155 -2.51 -10.10 -28.91
C PRO A 155 -1.74 -10.56 -27.70
N GLY A 156 -2.25 -10.19 -26.54
CA GLY A 156 -1.60 -10.58 -25.31
C GLY A 156 -1.31 -12.05 -25.18
N ARG A 157 -2.16 -12.87 -25.83
CA ARG A 157 -2.05 -14.33 -25.80
C ARG A 157 -0.71 -14.80 -26.24
N ASN A 158 -0.18 -14.02 -27.14
CA ASN A 158 1.08 -14.30 -27.74
C ASN A 158 2.36 -14.07 -26.97
N LEU A 159 2.27 -13.37 -25.85
CA LEU A 159 3.44 -13.09 -25.04
C LEU A 159 4.16 -14.35 -24.67
N VAL A 160 5.43 -14.17 -24.38
CA VAL A 160 6.26 -15.27 -23.99
C VAL A 160 6.72 -15.10 -22.56
N ALA A 161 6.70 -13.87 -22.09
CA ALA A 161 7.14 -13.56 -20.74
C ALA A 161 6.46 -12.25 -20.23
N ALA A 162 6.13 -12.19 -18.94
CA ALA A 162 5.50 -11.00 -18.34
C ALA A 162 5.58 -11.05 -16.84
N GLY A 163 5.28 -9.91 -16.22
CA GLY A 163 5.34 -9.83 -14.78
C GLY A 163 5.38 -8.37 -14.42
N TYR A 164 5.80 -8.14 -13.20
CA TYR A 164 5.91 -6.80 -12.71
C TYR A 164 6.83 -6.83 -11.53
N ALA A 165 7.33 -5.68 -11.20
CA ALA A 165 8.21 -5.53 -10.09
C ALA A 165 7.39 -4.59 -9.15
N LEU A 166 7.23 -4.96 -7.88
CA LEU A 166 6.47 -4.18 -6.89
C LEU A 166 7.48 -3.51 -5.99
N TYR A 167 7.13 -2.31 -5.55
CA TYR A 167 8.00 -1.54 -4.67
C TYR A 167 7.15 -1.16 -3.46
N GLY A 168 7.21 -1.97 -2.41
CA GLY A 168 6.46 -1.69 -1.20
C GLY A 168 7.43 -1.88 -0.08
N SER A 169 7.01 -2.62 0.93
CA SER A 169 7.83 -2.92 2.08
C SER A 169 9.04 -3.70 1.66
N ALA A 170 8.89 -4.37 0.53
CA ALA A 170 9.94 -5.15 -0.06
C ALA A 170 9.71 -4.96 -1.54
N THR A 171 10.76 -5.23 -2.29
CA THR A 171 10.74 -5.09 -3.73
C THR A 171 10.60 -6.52 -4.26
N MET A 172 9.49 -6.75 -4.96
CA MET A 172 9.12 -8.07 -5.48
C MET A 172 9.07 -8.09 -7.02
N LEU A 173 9.38 -9.23 -7.64
CA LEU A 173 9.36 -9.39 -9.09
C LEU A 173 8.64 -10.68 -9.34
N VAL A 174 7.46 -10.55 -9.91
CA VAL A 174 6.66 -11.70 -10.25
C VAL A 174 6.90 -11.81 -11.71
N LEU A 175 7.16 -13.02 -12.13
CA LEU A 175 7.48 -13.28 -13.50
C LEU A 175 6.72 -14.49 -13.86
N ALA A 176 5.99 -14.32 -14.94
CA ALA A 176 5.18 -15.37 -15.43
C ALA A 176 5.75 -15.73 -16.84
N MET A 177 6.16 -16.97 -17.05
CA MET A 177 6.64 -17.41 -18.37
C MET A 177 5.79 -18.61 -18.75
N VAL A 178 6.09 -19.27 -19.87
CA VAL A 178 5.30 -20.41 -20.33
C VAL A 178 5.09 -21.49 -19.27
N ASN A 179 6.10 -21.69 -18.44
CA ASN A 179 6.02 -22.70 -17.40
C ASN A 179 5.37 -22.35 -16.06
N GLY A 180 5.13 -21.08 -15.78
CA GLY A 180 4.55 -20.74 -14.50
C GLY A 180 4.69 -19.29 -14.15
N VAL A 181 4.17 -18.96 -12.98
CA VAL A 181 4.25 -17.62 -12.45
C VAL A 181 5.10 -17.85 -11.23
N ASN A 182 6.12 -17.03 -11.09
CA ASN A 182 7.02 -17.18 -9.98
C ASN A 182 7.30 -15.84 -9.34
N CYS A 183 7.63 -15.86 -8.05
CA CYS A 183 7.89 -14.64 -7.31
C CYS A 183 9.28 -14.60 -6.71
N PHE A 184 10.02 -13.54 -7.02
CA PHE A 184 11.36 -13.32 -6.50
C PHE A 184 11.27 -12.03 -5.70
N MET A 185 12.05 -11.94 -4.62
CA MET A 185 12.07 -10.77 -3.77
C MET A 185 13.53 -10.32 -3.77
N LEU A 186 13.76 -9.03 -3.89
CA LEU A 186 15.11 -8.50 -3.90
C LEU A 186 15.67 -8.48 -2.51
N ASP A 187 16.84 -9.08 -2.39
CA ASP A 187 17.55 -9.14 -1.15
C ASP A 187 18.51 -7.96 -1.25
N PRO A 188 18.22 -6.87 -0.54
CA PRO A 188 19.06 -5.66 -0.56
C PRO A 188 20.49 -5.89 -0.07
N ALA A 189 20.66 -6.88 0.80
CA ALA A 189 21.98 -7.19 1.32
C ALA A 189 22.95 -7.56 0.18
N ILE A 190 22.46 -8.33 -0.79
CA ILE A 190 23.32 -8.72 -1.91
C ILE A 190 22.99 -8.09 -3.29
N GLY A 191 21.89 -7.35 -3.40
CA GLY A 191 21.54 -6.76 -4.69
C GLY A 191 21.13 -7.82 -5.68
N GLU A 192 20.51 -8.89 -5.21
CA GLU A 192 20.06 -9.99 -6.06
C GLU A 192 18.59 -10.26 -5.85
N PHE A 193 17.91 -10.71 -6.91
CA PHE A 193 16.52 -11.06 -6.79
C PHE A 193 16.51 -12.55 -6.51
N ILE A 194 15.95 -12.92 -5.38
CA ILE A 194 15.92 -14.31 -4.99
C ILE A 194 14.51 -14.92 -5.12
N LEU A 195 14.45 -16.18 -5.55
CA LEU A 195 13.18 -16.92 -5.73
C LEU A 195 12.57 -17.37 -4.41
N VAL A 196 11.34 -16.92 -4.17
CA VAL A 196 10.64 -17.28 -2.96
C VAL A 196 9.34 -18.07 -3.19
N ASP A 197 8.47 -17.61 -4.07
CA ASP A 197 7.23 -18.36 -4.35
C ASP A 197 7.34 -19.06 -5.69
N ARG A 198 7.11 -20.37 -5.69
CA ARG A 198 7.24 -21.17 -6.88
C ARG A 198 5.95 -21.66 -7.45
N ASN A 199 5.79 -21.47 -8.76
CA ASN A 199 4.62 -21.97 -9.47
C ASN A 199 3.37 -21.63 -8.74
N VAL A 200 3.14 -20.34 -8.71
CA VAL A 200 2.02 -19.73 -8.06
C VAL A 200 0.66 -20.07 -8.72
N LYS A 201 -0.35 -20.34 -7.89
CA LYS A 201 -1.72 -20.64 -8.36
C LYS A 201 -2.68 -19.84 -7.46
N ILE A 202 -3.64 -19.14 -8.08
CA ILE A 202 -4.62 -18.30 -7.37
C ILE A 202 -5.75 -19.17 -6.77
N LYS A 203 -6.40 -18.74 -5.69
CA LYS A 203 -7.51 -19.50 -5.08
C LYS A 203 -8.71 -19.38 -6.03
N LYS A 204 -9.48 -20.45 -6.14
CA LYS A 204 -10.65 -20.49 -7.02
C LYS A 204 -11.63 -19.33 -6.81
N LYS A 205 -12.08 -19.21 -5.56
CA LYS A 205 -13.03 -18.19 -5.13
C LYS A 205 -12.33 -17.62 -3.87
N GLY A 206 -12.66 -16.39 -3.49
CA GLY A 206 -12.05 -15.77 -2.32
C GLY A 206 -12.95 -14.64 -1.84
N SER A 207 -12.60 -14.01 -0.74
CA SER A 207 -13.41 -12.97 -0.11
C SER A 207 -13.24 -11.46 -0.40
N ILE A 208 -12.60 -11.06 -1.50
CA ILE A 208 -12.36 -9.62 -1.74
C ILE A 208 -12.62 -9.15 -3.11
N TYR A 209 -13.37 -8.06 -3.19
CA TYR A 209 -13.58 -7.45 -4.46
C TYR A 209 -12.76 -6.19 -4.35
N SER A 210 -12.23 -5.72 -5.47
CA SER A 210 -11.43 -4.50 -5.44
C SER A 210 -11.95 -3.66 -6.62
N ILE A 211 -12.42 -2.45 -6.33
CA ILE A 211 -12.93 -1.53 -7.35
C ILE A 211 -13.12 -0.11 -6.80
N ASN A 212 -12.84 0.93 -7.61
CA ASN A 212 -13.00 2.32 -7.17
C ASN A 212 -14.48 2.60 -7.12
N GLU A 213 -15.06 2.44 -5.94
CA GLU A 213 -16.48 2.65 -5.78
C GLU A 213 -16.93 4.11 -6.00
N GLY A 214 -15.96 5.02 -6.11
CA GLY A 214 -16.25 6.43 -6.39
C GLY A 214 -16.97 6.59 -7.70
N TYR A 215 -16.82 5.63 -8.61
CA TYR A 215 -17.49 5.70 -9.91
C TYR A 215 -18.85 5.03 -9.87
N ALA A 216 -19.41 4.88 -8.68
CA ALA A 216 -20.70 4.22 -8.53
C ALA A 216 -21.78 4.66 -9.50
N LYS A 217 -21.92 5.96 -9.68
CA LYS A 217 -22.94 6.41 -10.61
C LYS A 217 -22.63 6.24 -12.08
N GLU A 218 -21.38 5.88 -12.33
CA GLU A 218 -20.92 5.67 -13.68
C GLU A 218 -21.03 4.23 -14.19
N PHE A 219 -20.87 3.26 -13.30
CA PHE A 219 -20.88 1.84 -13.64
C PHE A 219 -22.05 1.29 -14.46
N ASP A 220 -21.76 0.26 -15.24
CA ASP A 220 -22.78 -0.42 -16.04
C ASP A 220 -23.49 -1.45 -15.14
N PRO A 221 -24.80 -1.71 -15.35
CA PRO A 221 -25.60 -2.66 -14.55
C PRO A 221 -25.02 -3.96 -14.11
N ALA A 222 -24.29 -4.62 -14.99
CA ALA A 222 -23.68 -5.89 -14.68
C ALA A 222 -22.83 -5.79 -13.43
N ILE A 223 -21.98 -4.77 -13.40
CA ILE A 223 -21.08 -4.54 -12.29
C ILE A 223 -21.82 -4.16 -11.02
N THR A 224 -22.69 -3.16 -11.17
CA THR A 224 -23.45 -2.63 -10.06
C THR A 224 -24.37 -3.64 -9.38
N GLU A 225 -24.75 -4.69 -10.11
CA GLU A 225 -25.55 -5.72 -9.48
C GLU A 225 -24.57 -6.60 -8.70
N TYR A 226 -23.48 -6.98 -9.35
CA TYR A 226 -22.45 -7.82 -8.75
C TYR A 226 -21.97 -7.21 -7.40
N ILE A 227 -21.69 -5.89 -7.38
CA ILE A 227 -21.23 -5.22 -6.15
C ILE A 227 -22.21 -5.51 -5.04
N GLN A 228 -23.48 -5.33 -5.38
CA GLN A 228 -24.56 -5.56 -4.45
C GLN A 228 -24.49 -6.99 -3.89
N ARG A 229 -24.49 -7.97 -4.81
CA ARG A 229 -24.42 -9.40 -4.50
C ARG A 229 -23.31 -9.77 -3.54
N LYS A 230 -22.28 -8.93 -3.46
CA LYS A 230 -21.16 -9.19 -2.57
C LYS A 230 -21.27 -8.52 -1.23
N LYS A 231 -21.93 -7.38 -1.20
CA LYS A 231 -22.11 -6.66 0.03
C LYS A 231 -23.26 -7.29 0.81
N PHE A 232 -24.40 -7.44 0.12
CA PHE A 232 -25.60 -8.05 0.67
C PHE A 232 -25.71 -9.38 -0.07
N PRO A 233 -24.96 -10.41 0.36
CA PRO A 233 -25.00 -11.73 -0.30
C PRO A 233 -26.36 -12.50 -0.13
N PRO A 234 -27.10 -12.77 -1.24
CA PRO A 234 -28.40 -13.48 -1.23
C PRO A 234 -28.48 -14.80 -0.45
N ASP A 235 -27.39 -15.57 -0.41
CA ASP A 235 -27.37 -16.85 0.31
C ASP A 235 -27.06 -16.69 1.84
N ASN A 236 -27.44 -15.56 2.46
CA ASN A 236 -27.21 -15.29 3.92
C ASN A 236 -25.80 -15.64 4.34
N SER A 237 -24.84 -15.31 3.48
CA SER A 237 -23.43 -15.60 3.70
C SER A 237 -22.63 -14.40 4.20
N ALA A 238 -21.32 -14.60 4.31
CA ALA A 238 -20.42 -13.56 4.74
C ALA A 238 -20.14 -12.67 3.51
N PRO A 239 -20.25 -11.34 3.65
CA PRO A 239 -20.01 -10.43 2.53
C PRO A 239 -18.56 -10.37 2.20
N TYR A 240 -18.28 -9.87 1.02
CA TYR A 240 -16.92 -9.74 0.60
C TYR A 240 -16.36 -8.48 1.24
N GLY A 241 -15.05 -8.44 1.36
CA GLY A 241 -14.42 -7.27 1.94
C GLY A 241 -14.09 -6.33 0.79
N ALA A 242 -13.95 -5.04 1.07
CA ALA A 242 -13.62 -4.05 0.05
C ALA A 242 -12.15 -3.64 0.21
N ARG A 243 -11.45 -3.54 -0.91
CA ARG A 243 -10.03 -3.16 -0.95
C ARG A 243 -9.88 -2.37 -2.24
N TYR A 244 -8.97 -1.41 -2.24
CA TYR A 244 -8.65 -0.61 -3.41
C TYR A 244 -7.48 0.28 -3.01
N VAL A 245 -6.27 -0.20 -3.25
CA VAL A 245 -5.08 0.58 -2.92
C VAL A 245 -5.00 1.81 -3.94
N GLY A 246 -5.42 1.63 -5.20
CA GLY A 246 -5.40 2.71 -6.20
C GLY A 246 -4.08 2.80 -6.91
N SER A 247 -3.45 1.64 -7.05
CA SER A 247 -2.16 1.47 -7.70
C SER A 247 -2.39 0.08 -8.20
N MET A 248 -2.57 -0.05 -9.52
CA MET A 248 -2.86 -1.33 -10.12
C MET A 248 -2.03 -2.51 -9.63
N VAL A 249 -0.70 -2.35 -9.59
CA VAL A 249 0.20 -3.41 -9.16
C VAL A 249 -0.10 -3.98 -7.74
N ALA A 250 -0.33 -3.11 -6.76
CA ALA A 250 -0.61 -3.54 -5.39
C ALA A 250 -1.89 -4.38 -5.34
N ASP A 251 -2.92 -3.92 -6.04
CA ASP A 251 -4.20 -4.61 -6.07
C ASP A 251 -4.12 -5.96 -6.81
N VAL A 252 -3.39 -6.00 -7.92
CA VAL A 252 -3.24 -7.23 -8.70
C VAL A 252 -2.44 -8.25 -7.91
N HIS A 253 -1.36 -7.78 -7.29
CA HIS A 253 -0.52 -8.67 -6.49
C HIS A 253 -1.32 -9.24 -5.33
N ARG A 254 -2.19 -8.42 -4.74
CA ARG A 254 -3.05 -8.85 -3.64
C ARG A 254 -3.97 -9.95 -4.23
N THR A 255 -4.68 -9.62 -5.32
CA THR A 255 -5.59 -10.55 -5.99
C THR A 255 -4.91 -11.91 -6.30
N LEU A 256 -3.65 -11.86 -6.76
CA LEU A 256 -2.89 -13.08 -7.06
C LEU A 256 -2.55 -13.91 -5.81
N VAL A 257 -2.08 -13.26 -4.75
CA VAL A 257 -1.67 -13.98 -3.54
C VAL A 257 -2.73 -14.44 -2.59
N TYR A 258 -3.73 -13.61 -2.41
CA TYR A 258 -4.80 -13.89 -1.48
C TYR A 258 -6.12 -14.32 -2.18
N GLY A 259 -6.20 -14.12 -3.49
CA GLY A 259 -7.41 -14.48 -4.25
C GLY A 259 -8.40 -13.34 -4.13
N GLY A 260 -9.38 -13.29 -5.03
CA GLY A 260 -10.39 -12.22 -5.00
C GLY A 260 -10.60 -11.72 -6.40
N ILE A 261 -10.94 -10.44 -6.53
CA ILE A 261 -11.19 -9.86 -7.83
C ILE A 261 -10.86 -8.42 -7.79
N PHE A 262 -10.40 -7.94 -8.94
CA PHE A 262 -10.04 -6.56 -9.08
C PHE A 262 -10.74 -6.13 -10.32
N MET A 263 -11.23 -4.91 -10.33
CA MET A 263 -11.95 -4.42 -11.48
C MET A 263 -11.71 -2.98 -11.74
N TYR A 264 -11.46 -2.70 -13.00
CA TYR A 264 -11.38 -1.35 -13.45
C TYR A 264 -12.19 -1.44 -14.69
N PRO A 265 -13.52 -1.45 -14.52
CA PRO A 265 -14.48 -1.55 -15.61
C PRO A 265 -14.56 -0.22 -16.33
N ALA A 266 -15.12 -0.23 -17.53
CA ALA A 266 -15.29 1.01 -18.25
C ALA A 266 -16.41 1.72 -17.54
N ASN A 267 -16.40 3.03 -17.62
CA ASN A 267 -17.41 3.83 -16.97
C ASN A 267 -17.62 5.07 -17.91
N LYS A 268 -18.42 6.08 -17.55
CA LYS A 268 -18.65 7.25 -18.45
C LYS A 268 -17.45 8.19 -18.58
N LYS A 269 -16.62 8.29 -17.54
CA LYS A 269 -15.41 9.13 -17.57
C LYS A 269 -14.39 8.42 -18.48
N SER A 270 -14.54 7.09 -18.63
CA SER A 270 -13.62 6.29 -19.45
C SER A 270 -14.31 5.06 -20.07
N PRO A 271 -15.03 5.22 -21.21
CA PRO A 271 -15.74 4.12 -21.89
C PRO A 271 -14.90 3.00 -22.49
N LYS A 272 -13.61 3.26 -22.69
CA LYS A 272 -12.73 2.24 -23.25
C LYS A 272 -11.86 1.58 -22.20
N GLY A 273 -12.12 1.90 -20.95
CA GLY A 273 -11.30 1.39 -19.87
C GLY A 273 -10.28 2.50 -19.65
N LYS A 274 -9.52 2.42 -18.57
CA LYS A 274 -8.50 3.42 -18.28
C LYS A 274 -7.14 2.74 -18.49
N LEU A 275 -6.97 1.60 -17.83
CA LEU A 275 -5.70 0.87 -17.91
C LEU A 275 -5.41 0.45 -19.33
N ARG A 276 -4.30 0.99 -19.83
CA ARG A 276 -3.81 0.73 -21.18
C ARG A 276 -3.58 -0.76 -21.35
N LEU A 277 -3.80 -1.22 -22.57
CA LEU A 277 -3.67 -2.62 -22.91
C LEU A 277 -2.30 -3.22 -22.98
N LEU A 278 -1.55 -2.77 -23.96
CA LEU A 278 -0.26 -3.33 -24.18
C LEU A 278 0.68 -3.46 -22.98
N TYR A 279 0.74 -2.43 -22.15
CA TYR A 279 1.65 -2.48 -21.01
C TYR A 279 1.08 -2.61 -19.60
N GLU A 280 -0.25 -2.57 -19.46
CA GLU A 280 -0.84 -2.71 -18.14
C GLU A 280 -1.75 -3.91 -18.08
N CYS A 281 -2.73 -3.93 -18.97
CA CYS A 281 -3.66 -5.03 -18.98
C CYS A 281 -3.11 -6.38 -19.40
N ASN A 282 -2.62 -6.47 -20.63
CA ASN A 282 -2.11 -7.73 -21.14
C ASN A 282 -1.06 -8.47 -20.21
N PRO A 283 -0.05 -7.79 -19.61
CA PRO A 283 0.93 -8.48 -18.74
C PRO A 283 0.22 -9.10 -17.54
N MET A 284 -0.48 -8.28 -16.75
CA MET A 284 -1.21 -8.78 -15.59
C MET A 284 -2.13 -9.91 -16.04
N ALA A 285 -2.86 -9.67 -17.13
CA ALA A 285 -3.79 -10.65 -17.66
C ALA A 285 -3.10 -12.00 -17.84
N TYR A 286 -1.96 -11.95 -18.52
CA TYR A 286 -1.16 -13.12 -18.78
C TYR A 286 -0.71 -13.80 -17.48
N VAL A 287 -0.21 -13.00 -16.52
CA VAL A 287 0.26 -13.52 -15.23
C VAL A 287 -0.93 -14.22 -14.54
N MET A 288 -2.11 -13.60 -14.64
CA MET A 288 -3.35 -14.09 -14.04
C MET A 288 -3.79 -15.44 -14.57
N GLU A 289 -3.97 -15.51 -15.89
CA GLU A 289 -4.39 -16.75 -16.51
C GLU A 289 -3.37 -17.86 -16.27
N LYS A 290 -2.08 -17.53 -16.26
CA LYS A 290 -1.05 -18.52 -16.02
C LYS A 290 -1.11 -19.12 -14.62
N ALA A 291 -1.77 -18.42 -13.71
CA ALA A 291 -1.90 -18.93 -12.36
C ALA A 291 -3.29 -19.56 -12.20
N GLY A 292 -4.07 -19.50 -13.27
CA GLY A 292 -5.40 -20.09 -13.25
C GLY A 292 -6.54 -19.14 -12.92
N GLY A 293 -6.31 -17.84 -13.11
CA GLY A 293 -7.37 -16.87 -12.87
C GLY A 293 -7.83 -16.51 -14.26
N LEU A 294 -8.71 -15.53 -14.35
CA LEU A 294 -9.19 -15.12 -15.65
C LEU A 294 -9.11 -13.63 -15.69
N ALA A 295 -9.14 -13.13 -16.90
CA ALA A 295 -9.10 -11.72 -17.13
C ALA A 295 -9.84 -11.50 -18.40
N THR A 296 -10.97 -10.86 -18.23
CA THR A 296 -11.85 -10.59 -19.33
C THR A 296 -12.25 -9.13 -19.21
N THR A 297 -12.75 -8.58 -20.30
CA THR A 297 -13.22 -7.21 -20.38
C THR A 297 -14.72 -7.25 -20.10
N GLY A 298 -15.21 -8.45 -19.78
CA GLY A 298 -16.62 -8.67 -19.53
C GLY A 298 -17.25 -9.16 -20.82
N LYS A 299 -16.65 -8.77 -21.95
CA LYS A 299 -17.12 -9.19 -23.26
C LYS A 299 -16.13 -10.15 -23.97
N GLU A 300 -14.84 -10.11 -23.60
CA GLU A 300 -13.81 -10.99 -24.22
C GLU A 300 -12.56 -11.09 -23.35
N ALA A 301 -11.76 -12.11 -23.59
CA ALA A 301 -10.52 -12.31 -22.84
C ALA A 301 -9.62 -11.13 -23.17
N VAL A 302 -8.86 -10.65 -22.19
CA VAL A 302 -7.98 -9.52 -22.42
C VAL A 302 -6.85 -9.93 -23.33
N LEU A 303 -6.33 -11.13 -23.09
CA LEU A 303 -5.25 -11.63 -23.89
C LEU A 303 -5.60 -11.90 -25.35
N ASP A 304 -6.87 -12.13 -25.63
CA ASP A 304 -7.28 -12.41 -27.00
C ASP A 304 -7.49 -11.13 -27.84
N ILE A 305 -7.39 -9.93 -27.25
CA ILE A 305 -7.58 -8.69 -28.02
C ILE A 305 -6.40 -8.42 -28.87
N VAL A 306 -6.73 -8.07 -30.09
CA VAL A 306 -5.74 -7.75 -31.08
C VAL A 306 -5.64 -6.22 -31.02
N PRO A 307 -4.51 -5.67 -30.52
CA PRO A 307 -4.33 -4.22 -30.43
C PRO A 307 -4.20 -3.60 -31.80
N THR A 308 -4.84 -2.46 -31.96
CA THR A 308 -4.79 -1.74 -33.19
C THR A 308 -3.84 -0.55 -33.01
N ASP A 309 -3.78 -0.01 -31.78
CA ASP A 309 -2.91 1.10 -31.44
C ASP A 309 -2.12 0.66 -30.18
N ILE A 310 -0.82 0.91 -30.18
CA ILE A 310 0.03 0.52 -29.06
C ILE A 310 -0.25 1.21 -27.75
N HIS A 311 -1.14 2.19 -27.79
CA HIS A 311 -1.48 2.91 -26.60
C HIS A 311 -2.99 2.73 -26.23
N GLN A 312 -3.68 1.79 -26.86
CA GLN A 312 -5.12 1.57 -26.58
C GLN A 312 -5.39 0.97 -25.19
N ARG A 313 -6.54 1.30 -24.62
CA ARG A 313 -6.93 0.87 -23.28
C ARG A 313 -7.91 -0.27 -23.32
N ALA A 314 -8.19 -0.78 -22.13
CA ALA A 314 -9.09 -1.88 -21.99
C ALA A 314 -9.75 -1.97 -20.68
N PRO A 315 -10.95 -2.49 -20.68
CA PRO A 315 -11.70 -2.66 -19.45
C PRO A 315 -10.93 -3.89 -18.88
N ILE A 316 -10.85 -4.06 -17.56
CA ILE A 316 -10.11 -5.20 -17.01
C ILE A 316 -10.76 -5.65 -15.70
N ILE A 317 -11.13 -6.93 -15.67
CA ILE A 317 -11.76 -7.58 -14.51
C ILE A 317 -10.85 -8.83 -14.42
N LEU A 318 -9.98 -8.91 -13.42
CA LEU A 318 -9.11 -10.07 -13.31
C LEU A 318 -9.17 -10.61 -11.89
N GLY A 319 -8.98 -11.92 -11.76
CA GLY A 319 -9.01 -12.50 -10.45
C GLY A 319 -9.36 -13.98 -10.40
N SER A 320 -9.57 -14.47 -9.18
CA SER A 320 -9.93 -15.86 -8.93
C SER A 320 -11.06 -16.22 -9.87
N PRO A 321 -10.90 -17.33 -10.60
CA PRO A 321 -11.92 -17.75 -11.54
C PRO A 321 -13.42 -17.60 -11.16
N GLU A 322 -13.94 -18.42 -10.24
CA GLU A 322 -15.37 -18.39 -9.86
C GLU A 322 -16.01 -17.04 -9.68
N ASP A 323 -15.26 -16.10 -9.15
CA ASP A 323 -15.77 -14.76 -8.96
C ASP A 323 -15.90 -14.01 -10.28
N VAL A 324 -14.83 -14.01 -11.08
CA VAL A 324 -14.83 -13.33 -12.37
C VAL A 324 -15.95 -13.91 -13.21
N THR A 325 -16.15 -15.20 -13.01
CA THR A 325 -17.18 -15.98 -13.68
C THR A 325 -18.55 -15.56 -13.21
N GLU A 326 -18.68 -15.44 -11.90
CA GLU A 326 -19.92 -15.02 -11.29
C GLU A 326 -20.30 -13.73 -11.96
N LEU A 327 -19.28 -12.91 -12.21
CA LEU A 327 -19.47 -11.65 -12.89
C LEU A 327 -19.88 -11.88 -14.34
N LEU A 328 -19.07 -12.65 -15.05
CA LEU A 328 -19.33 -12.95 -16.46
C LEU A 328 -20.74 -13.46 -16.73
N GLU A 329 -21.29 -14.23 -15.78
CA GLU A 329 -22.65 -14.72 -15.94
C GLU A 329 -23.55 -13.49 -15.85
N ILE A 330 -23.37 -12.71 -14.78
CA ILE A 330 -24.14 -11.48 -14.57
C ILE A 330 -24.11 -10.64 -15.85
N TYR A 331 -23.00 -10.73 -16.58
CA TYR A 331 -22.87 -10.02 -17.84
C TYR A 331 -23.92 -10.55 -18.80
N GLN A 332 -23.86 -11.83 -19.11
CA GLN A 332 -24.88 -12.36 -20.00
C GLN A 332 -26.11 -12.94 -19.33
N LYS A 333 -26.34 -12.49 -18.09
CA LYS A 333 -27.56 -12.82 -17.36
C LYS A 333 -28.30 -11.48 -17.64
N HIS A 334 -27.51 -10.46 -18.02
CA HIS A 334 -27.99 -9.12 -18.38
C HIS A 334 -27.88 -8.94 -19.92
N ALA A 335 -27.77 -10.05 -20.67
CA ALA A 335 -27.64 -10.00 -22.14
C ALA A 335 -28.63 -10.96 -22.77
N ASP B 7 25.73 15.71 2.50
CA ASP B 7 25.27 16.99 3.11
C ASP B 7 25.75 17.14 4.58
N THR B 8 26.58 18.17 4.82
CA THR B 8 27.18 18.45 6.14
C THR B 8 26.30 18.92 7.27
N ASN B 9 25.04 19.14 6.99
CA ASN B 9 24.12 19.68 7.96
C ASN B 9 22.80 18.89 7.81
N ILE B 10 22.81 17.65 8.29
CA ILE B 10 21.68 16.71 8.24
C ILE B 10 20.79 16.91 9.48
N VAL B 11 19.47 16.96 9.30
CA VAL B 11 18.56 17.11 10.45
C VAL B 11 18.05 15.73 10.89
N THR B 12 18.78 15.05 11.78
CA THR B 12 18.28 13.75 12.26
C THR B 12 17.21 14.13 13.27
N LEU B 13 16.20 13.30 13.37
CA LEU B 13 15.10 13.53 14.30
C LEU B 13 15.68 13.74 15.73
N THR B 14 16.82 13.10 16.03
CA THR B 14 17.49 13.23 17.33
C THR B 14 17.75 14.75 17.47
N ARG B 15 18.42 15.36 16.49
CA ARG B 15 18.70 16.80 16.49
C ARG B 15 17.37 17.60 16.58
N PHE B 16 16.39 17.25 15.76
CA PHE B 16 15.11 17.96 15.76
C PHE B 16 14.31 17.96 17.09
N VAL B 17 14.16 16.79 17.74
CA VAL B 17 13.42 16.71 19.01
C VAL B 17 14.28 17.42 20.06
N MET B 18 15.59 17.41 19.87
CA MET B 18 16.48 18.10 20.79
C MET B 18 16.34 19.63 20.68
N GLU B 19 15.66 20.10 19.64
CA GLU B 19 15.41 21.54 19.47
C GLU B 19 13.94 21.86 19.75
N GLN B 20 13.24 20.90 20.36
CA GLN B 20 11.85 21.07 20.80
C GLN B 20 11.98 20.87 22.33
N GLY B 21 12.39 19.65 22.72
CA GLY B 21 12.56 19.29 24.12
C GLY B 21 13.88 19.72 24.79
N ARG B 22 14.44 20.89 24.43
CA ARG B 22 15.66 21.46 25.07
C ARG B 22 15.48 22.98 25.27
N LYS B 23 14.96 23.70 24.27
CA LYS B 23 14.71 25.15 24.42
C LYS B 23 13.58 25.24 25.46
N ALA B 24 12.89 24.13 25.65
CA ALA B 24 11.81 23.99 26.62
C ALA B 24 12.36 23.50 27.99
N ARG B 25 13.69 23.36 28.10
CA ARG B 25 14.39 22.94 29.33
C ARG B 25 14.06 21.55 29.84
N GLY B 26 12.96 20.96 29.37
CA GLY B 26 12.61 19.60 29.78
C GLY B 26 13.90 18.89 29.44
N THR B 27 14.35 18.10 30.39
CA THR B 27 15.60 17.37 30.31
C THR B 27 15.99 16.54 29.05
N GLY B 28 15.19 16.55 27.97
CA GLY B 28 15.54 15.76 26.79
C GLY B 28 15.44 14.28 27.08
N GLU B 29 14.61 13.89 28.05
CA GLU B 29 14.41 12.49 28.42
C GLU B 29 13.71 11.93 27.20
N MET B 30 12.66 12.64 26.82
CA MET B 30 11.84 12.40 25.64
C MET B 30 12.71 11.90 24.47
N THR B 31 13.75 12.68 24.17
CA THR B 31 14.70 12.39 23.11
C THR B 31 15.22 10.95 23.18
N GLN B 32 15.77 10.51 24.31
CA GLN B 32 16.27 9.13 24.40
C GLN B 32 15.15 8.12 24.23
N LEU B 33 13.94 8.49 24.65
CA LEU B 33 12.81 7.58 24.48
C LEU B 33 12.64 7.49 22.93
N LEU B 34 12.48 8.65 22.27
CA LEU B 34 12.30 8.69 20.81
C LEU B 34 13.39 8.00 20.01
N ASN B 35 14.63 8.19 20.44
CA ASN B 35 15.81 7.60 19.81
C ASN B 35 15.68 6.11 19.83
N SER B 36 15.26 5.60 20.97
CA SER B 36 15.08 4.19 21.15
C SER B 36 13.99 3.63 20.29
N LEU B 37 12.93 4.41 20.08
CA LEU B 37 11.84 3.97 19.24
C LEU B 37 12.36 3.82 17.84
N CYS B 38 13.29 4.70 17.46
CA CYS B 38 13.88 4.63 16.15
C CYS B 38 14.65 3.32 15.92
N THR B 39 15.48 2.91 16.87
CA THR B 39 16.21 1.65 16.74
C THR B 39 15.24 0.51 16.45
N ALA B 40 14.17 0.44 17.24
CA ALA B 40 13.15 -0.59 17.06
C ALA B 40 12.48 -0.47 15.68
N VAL B 41 12.03 0.74 15.35
CA VAL B 41 11.36 1.01 14.06
C VAL B 41 12.26 0.59 12.91
N LYS B 42 13.54 0.91 13.03
CA LYS B 42 14.49 0.55 12.00
C LYS B 42 14.60 -0.97 11.81
N ALA B 43 14.80 -1.70 12.91
CA ALA B 43 14.91 -3.15 12.82
C ALA B 43 13.66 -3.78 12.19
N ILE B 44 12.48 -3.27 12.55
CA ILE B 44 11.22 -3.80 12.01
C ILE B 44 11.19 -3.64 10.49
N SER B 45 11.67 -2.49 10.00
CA SER B 45 11.71 -2.20 8.57
C SER B 45 12.60 -3.21 7.81
N THR B 46 13.82 -3.44 8.31
CA THR B 46 14.80 -4.38 7.73
C THR B 46 14.21 -5.78 7.65
N ALA B 47 13.68 -6.23 8.78
CA ALA B 47 13.09 -7.56 8.88
C ALA B 47 11.94 -7.78 7.92
N VAL B 48 11.15 -6.73 7.75
CA VAL B 48 9.99 -6.74 6.89
C VAL B 48 10.41 -6.69 5.41
N ARG B 49 11.42 -5.89 5.10
CA ARG B 49 11.89 -5.80 3.72
C ARG B 49 12.35 -7.24 3.30
N LYS B 50 13.13 -7.89 4.16
CA LYS B 50 13.62 -9.27 3.91
C LYS B 50 12.62 -10.30 4.44
N ALA B 51 11.40 -9.87 4.77
CA ALA B 51 10.34 -10.74 5.31
C ALA B 51 10.23 -12.09 4.66
N GLY B 52 9.92 -12.04 3.39
CA GLY B 52 9.74 -13.26 2.65
C GLY B 52 10.97 -14.10 2.33
N ILE B 53 12.09 -13.84 2.99
CA ILE B 53 13.33 -14.58 2.75
C ILE B 53 13.90 -15.16 4.06
N ALA B 54 13.24 -14.87 5.19
CA ALA B 54 13.68 -15.35 6.50
C ALA B 54 12.75 -16.42 7.04
N LYS B 72 4.13 -14.22 13.92
CA LYS B 72 5.41 -14.15 14.67
C LYS B 72 6.13 -12.78 14.60
N LEU B 73 6.33 -12.23 13.39
CA LEU B 73 7.03 -10.93 13.18
C LEU B 73 6.62 -9.86 14.19
N ASP B 74 5.32 -9.78 14.46
CA ASP B 74 4.80 -8.82 15.42
C ASP B 74 5.12 -9.18 16.86
N VAL B 75 5.25 -10.47 17.17
CA VAL B 75 5.62 -10.86 18.51
C VAL B 75 7.04 -10.37 18.68
N LEU B 76 7.88 -10.71 17.71
CA LEU B 76 9.25 -10.28 17.78
C LEU B 76 9.35 -8.75 17.75
N SER B 77 8.53 -8.09 16.95
CA SER B 77 8.60 -6.66 16.95
C SER B 77 8.08 -6.14 18.31
N ASN B 78 7.18 -6.90 18.95
CA ASN B 78 6.68 -6.49 20.26
C ASN B 78 7.80 -6.55 21.27
N ASP B 79 8.50 -7.67 21.24
CA ASP B 79 9.60 -7.87 22.15
C ASP B 79 10.67 -6.85 22.00
N LEU B 80 10.92 -6.53 20.74
CA LEU B 80 11.90 -5.55 20.39
C LEU B 80 11.53 -4.19 20.98
N VAL B 81 10.35 -3.69 20.62
CA VAL B 81 9.88 -2.39 21.10
C VAL B 81 9.98 -2.30 22.62
N ILE B 82 9.49 -3.33 23.29
CA ILE B 82 9.54 -3.34 24.73
C ILE B 82 10.94 -3.22 25.26
N ASN B 83 11.83 -4.06 24.75
CA ASN B 83 13.20 -4.00 25.20
C ASN B 83 13.84 -2.65 25.00
N VAL B 84 13.71 -2.09 23.80
CA VAL B 84 14.31 -0.80 23.58
C VAL B 84 13.69 0.24 24.47
N LEU B 85 12.37 0.17 24.57
CA LEU B 85 11.66 1.10 25.39
C LEU B 85 12.17 1.17 26.81
N LYS B 86 12.15 0.01 27.48
CA LYS B 86 12.65 -0.06 28.83
C LYS B 86 13.98 0.66 28.94
N SER B 87 14.93 0.23 28.11
CA SER B 87 16.26 0.81 28.14
C SER B 87 16.47 2.30 27.87
N SER B 88 15.41 3.02 27.56
CA SER B 88 15.56 4.44 27.33
C SER B 88 15.70 5.13 28.69
N PHE B 89 15.30 4.41 29.74
CA PHE B 89 15.29 4.93 31.12
C PHE B 89 14.36 6.13 31.08
N ALA B 90 13.22 5.98 30.42
CA ALA B 90 12.29 7.08 30.31
C ALA B 90 10.84 6.63 30.37
N THR B 91 10.61 5.39 30.81
CA THR B 91 9.26 4.83 30.87
C THR B 91 8.99 4.18 32.19
N CYS B 92 7.71 4.11 32.49
CA CYS B 92 7.28 3.47 33.71
C CYS B 92 6.15 2.49 33.38
N VAL B 93 5.21 2.87 32.50
CA VAL B 93 4.14 1.96 32.10
C VAL B 93 4.20 1.85 30.59
N LEU B 94 3.85 0.67 30.09
CA LEU B 94 3.83 0.41 28.65
C LEU B 94 2.57 -0.42 28.42
N VAL B 95 1.84 -0.12 27.35
CA VAL B 95 0.64 -0.90 27.01
C VAL B 95 0.94 -1.40 25.57
N THR B 96 0.68 -2.68 25.26
CA THR B 96 0.89 -3.19 23.90
C THR B 96 -0.49 -3.68 23.45
N GLU B 97 -0.70 -3.80 22.15
CA GLU B 97 -1.95 -4.35 21.67
C GLU B 97 -1.82 -5.81 22.04
N GLU B 98 -0.63 -6.34 21.78
CA GLU B 98 -0.30 -7.73 22.03
C GLU B 98 -0.13 -8.18 23.50
N ASP B 99 -0.37 -7.30 24.49
CA ASP B 99 -0.25 -7.66 25.91
C ASP B 99 -1.42 -7.27 26.78
N LYS B 100 -1.74 -8.19 27.67
CA LYS B 100 -2.83 -8.10 28.64
C LYS B 100 -2.62 -7.00 29.61
N ASN B 101 -1.69 -7.26 30.51
CA ASN B 101 -1.38 -6.35 31.56
C ASN B 101 -0.38 -5.34 31.02
N ALA B 102 -0.68 -4.07 31.24
CA ALA B 102 0.21 -3.01 30.81
C ALA B 102 1.51 -3.27 31.56
N ILE B 103 2.64 -3.27 30.86
CA ILE B 103 3.94 -3.53 31.48
C ILE B 103 4.45 -2.39 32.30
N ILE B 104 4.49 -2.60 33.60
CA ILE B 104 5.03 -1.62 34.51
C ILE B 104 6.49 -1.93 34.55
N VAL B 105 7.22 -0.97 34.01
CA VAL B 105 8.66 -1.03 33.91
C VAL B 105 9.22 -1.24 35.31
N GLU B 106 10.33 -1.95 35.38
CA GLU B 106 10.99 -2.23 36.63
C GLU B 106 11.53 -0.82 37.15
N PRO B 107 11.84 -0.65 38.47
CA PRO B 107 12.33 0.64 39.03
C PRO B 107 13.69 1.23 38.52
N GLU B 108 14.76 0.42 38.50
CA GLU B 108 16.13 0.81 38.08
C GLU B 108 16.23 1.60 36.77
N LYS B 109 15.32 1.31 35.85
CA LYS B 109 15.29 1.91 34.51
C LYS B 109 14.09 2.86 34.32
N ARG B 110 13.36 3.17 35.39
CA ARG B 110 12.18 4.04 35.30
C ARG B 110 12.42 5.45 34.86
N GLY B 111 11.32 6.04 34.44
CA GLY B 111 11.32 7.41 33.99
C GLY B 111 9.86 7.78 34.02
N LYS B 112 9.56 9.00 33.61
CA LYS B 112 8.21 9.53 33.66
C LYS B 112 7.16 9.31 32.63
N TYR B 113 7.49 8.61 31.58
CA TYR B 113 6.53 8.45 30.52
C TYR B 113 5.84 7.15 30.43
N VAL B 114 4.62 7.23 29.96
CA VAL B 114 3.81 6.07 29.75
C VAL B 114 3.76 5.94 28.22
N VAL B 115 4.17 4.81 27.67
CA VAL B 115 4.14 4.64 26.22
C VAL B 115 3.13 3.55 25.85
N CYS B 116 2.25 3.90 24.91
CA CYS B 116 1.20 3.02 24.41
C CYS B 116 1.50 2.61 22.94
N PHE B 117 1.51 1.31 22.61
CA PHE B 117 1.85 0.92 21.23
C PHE B 117 1.31 -0.34 20.56
N ASP B 118 1.25 -0.27 19.24
CA ASP B 118 0.84 -1.38 18.39
C ASP B 118 2.09 -1.59 17.58
N PRO B 119 2.95 -2.53 18.01
CA PRO B 119 4.20 -2.81 17.30
C PRO B 119 4.19 -3.24 15.85
N LEU B 120 3.13 -3.93 15.43
CA LEU B 120 3.04 -4.36 14.05
C LEU B 120 1.67 -4.53 13.70
N ASP B 121 1.24 -3.36 13.29
CA ASP B 121 -0.08 -3.20 12.86
C ASP B 121 -0.14 -3.75 11.47
N GLY B 122 -1.06 -4.67 11.28
CA GLY B 122 -1.21 -5.26 9.97
C GLY B 122 -0.43 -6.56 9.76
N SER B 123 0.03 -7.22 10.83
CA SER B 123 0.82 -8.49 10.75
C SER B 123 0.35 -9.43 9.65
N SER B 124 -0.96 -9.45 9.44
CA SER B 124 -1.63 -10.26 8.42
C SER B 124 -1.23 -9.84 6.99
N ASN B 125 -1.32 -8.55 6.74
CA ASN B 125 -1.05 -7.89 5.45
C ASN B 125 0.35 -7.99 4.80
N ILE B 126 1.34 -8.48 5.53
CA ILE B 126 2.73 -8.63 5.03
C ILE B 126 2.75 -9.53 3.82
N ASP B 127 1.97 -10.60 3.92
CA ASP B 127 1.88 -11.60 2.88
C ASP B 127 1.43 -11.10 1.52
N CYS B 128 0.66 -10.02 1.54
CA CYS B 128 0.16 -9.45 0.31
C CYS B 128 0.95 -8.18 -0.07
N LEU B 129 1.98 -7.85 0.70
CA LEU B 129 2.84 -6.67 0.50
C LEU B 129 2.16 -5.37 0.43
N VAL B 130 1.50 -5.09 1.53
CA VAL B 130 0.76 -3.89 1.75
C VAL B 130 1.47 -3.17 2.90
N SER B 131 1.63 -1.86 2.77
CA SER B 131 2.30 -1.04 3.77
C SER B 131 1.59 -1.20 5.14
N ILE B 132 2.36 -1.36 6.23
CA ILE B 132 1.84 -1.53 7.60
C ILE B 132 2.75 -0.64 8.52
N GLY B 133 2.52 -0.58 9.84
CA GLY B 133 3.35 0.27 10.68
C GLY B 133 3.32 0.00 12.18
N THR B 134 4.12 0.78 12.90
CA THR B 134 4.24 0.71 14.34
C THR B 134 3.67 2.04 14.85
N ILE B 135 2.53 1.98 15.53
CA ILE B 135 1.91 3.19 16.05
C ILE B 135 2.36 3.31 17.52
N PHE B 136 2.39 4.53 18.03
CA PHE B 136 2.75 4.76 19.43
C PHE B 136 2.11 6.05 20.04
N GLY B 137 1.71 5.98 21.32
CA GLY B 137 1.11 7.11 22.07
C GLY B 137 1.96 7.28 23.29
N ILE B 138 2.19 8.52 23.73
CA ILE B 138 3.00 8.74 24.93
C ILE B 138 2.36 9.69 25.86
N TYR B 139 2.48 9.31 27.11
CA TYR B 139 1.92 10.05 28.20
C TYR B 139 3.00 10.38 29.21
N ARG B 140 2.63 11.18 30.18
CA ARG B 140 3.53 11.55 31.26
C ARG B 140 2.73 11.12 32.53
N LYS B 141 3.34 10.35 33.43
CA LYS B 141 2.67 9.87 34.65
C LYS B 141 2.29 11.04 35.53
N ASN B 142 0.99 11.16 35.75
CA ASN B 142 0.46 12.24 36.56
C ASN B 142 0.11 11.76 37.95
N SER B 143 1.13 11.37 38.71
CA SER B 143 0.94 10.91 40.06
C SER B 143 2.28 10.79 40.79
N THR B 144 2.19 10.79 42.11
CA THR B 144 3.34 10.73 43.01
C THR B 144 3.47 9.36 43.65
N ASP B 145 3.23 8.30 42.87
CA ASP B 145 3.24 6.95 43.40
C ASP B 145 4.04 5.85 42.76
N GLU B 146 3.49 4.63 42.85
CA GLU B 146 4.10 3.46 42.26
C GLU B 146 3.23 3.19 41.02
N PRO B 147 3.85 3.04 39.85
CA PRO B 147 3.14 2.80 38.59
C PRO B 147 2.20 1.61 38.56
N SER B 148 1.13 1.77 37.80
CA SER B 148 0.07 0.78 37.63
C SER B 148 -0.60 1.14 36.29
N GLU B 149 -1.35 0.23 35.67
CA GLU B 149 -2.00 0.53 34.38
C GLU B 149 -3.03 1.64 34.41
N LYS B 150 -3.19 2.23 35.58
CA LYS B 150 -4.09 3.36 35.78
C LYS B 150 -3.34 4.57 35.24
N ASP B 151 -2.02 4.58 35.47
CA ASP B 151 -1.14 5.65 35.00
C ASP B 151 -1.23 5.75 33.49
N ALA B 152 -1.65 4.65 32.89
CA ALA B 152 -1.81 4.58 31.44
C ALA B 152 -3.23 5.07 30.99
N LEU B 153 -4.27 4.83 31.82
CA LEU B 153 -5.67 5.19 31.49
C LEU B 153 -6.06 6.65 31.36
N GLN B 154 -5.16 7.46 30.82
CA GLN B 154 -5.39 8.88 30.59
C GLN B 154 -5.97 9.02 29.18
N PRO B 155 -6.69 10.11 28.87
CA PRO B 155 -7.25 10.29 27.52
C PRO B 155 -6.26 11.01 26.68
N GLY B 156 -6.50 10.98 25.38
CA GLY B 156 -5.62 11.63 24.47
C GLY B 156 -5.27 13.09 24.72
N ARG B 157 -6.18 13.84 25.34
CA ARG B 157 -5.88 15.24 25.60
C ARG B 157 -4.64 15.42 26.46
N ASN B 158 -4.27 14.34 27.14
CA ASN B 158 -3.10 14.34 28.01
C ASN B 158 -1.86 13.68 27.37
N LEU B 159 -1.88 13.44 26.05
CA LEU B 159 -0.73 12.84 25.34
C LEU B 159 0.24 13.91 25.15
N VAL B 160 1.47 13.54 25.42
CA VAL B 160 2.51 14.48 25.29
C VAL B 160 3.03 14.48 23.83
N ALA B 161 2.98 13.32 23.19
CA ALA B 161 3.43 13.14 21.81
C ALA B 161 2.94 11.77 21.29
N ALA B 162 2.59 11.70 20.01
CA ALA B 162 2.11 10.46 19.39
C ALA B 162 2.66 10.45 17.97
N GLY B 163 2.82 9.25 17.43
CA GLY B 163 3.37 9.12 16.10
C GLY B 163 3.20 7.73 15.63
N TYR B 164 3.81 7.44 14.49
CA TYR B 164 3.73 6.13 13.91
C TYR B 164 4.81 6.07 12.87
N ALA B 165 5.22 4.86 12.55
CA ALA B 165 6.22 4.67 11.52
C ALA B 165 5.53 3.75 10.51
N LEU B 166 5.62 4.11 9.24
CA LEU B 166 5.03 3.35 8.15
C LEU B 166 6.13 2.58 7.39
N TYR B 167 5.90 1.29 7.13
CA TYR B 167 6.84 0.43 6.40
C TYR B 167 6.26 0.32 4.99
N GLY B 168 6.47 1.36 4.19
CA GLY B 168 5.97 1.39 2.83
C GLY B 168 7.11 1.34 1.85
N SER B 169 6.92 1.90 0.65
CA SER B 169 7.98 1.92 -0.35
C SER B 169 9.19 2.71 0.22
N ALA B 170 8.98 3.28 1.41
CA ALA B 170 9.97 4.03 2.18
C ALA B 170 9.49 3.84 3.61
N THR B 171 10.36 4.13 4.55
CA THR B 171 10.02 3.99 5.94
C THR B 171 10.07 5.35 6.49
N MET B 172 8.86 5.82 6.60
CA MET B 172 8.62 7.14 7.03
C MET B 172 8.03 7.16 8.46
N LEU B 173 8.60 7.99 9.34
CA LEU B 173 8.10 8.15 10.72
C LEU B 173 7.43 9.52 10.75
N VAL B 174 6.19 9.54 11.23
CA VAL B 174 5.46 10.78 11.34
C VAL B 174 5.37 11.02 12.87
N LEU B 175 5.85 12.18 13.35
CA LEU B 175 5.85 12.48 14.79
C LEU B 175 5.17 13.81 15.06
N ALA B 176 4.14 13.73 15.88
CA ALA B 176 3.38 14.91 16.23
C ALA B 176 3.49 15.21 17.71
N MET B 177 4.13 16.33 18.02
CA MET B 177 4.22 16.75 19.40
C MET B 177 3.36 18.03 19.42
N VAL B 178 3.28 18.65 20.58
CA VAL B 178 2.50 19.87 20.82
C VAL B 178 2.57 21.02 19.80
N ASN B 179 3.65 21.11 19.01
CA ASN B 179 3.79 22.18 18.02
C ASN B 179 3.12 21.87 16.69
N GLY B 180 3.17 20.60 16.32
CA GLY B 180 2.59 20.18 15.06
C GLY B 180 3.17 18.84 14.62
N VAL B 181 2.98 18.49 13.35
CA VAL B 181 3.49 17.23 12.83
C VAL B 181 4.65 17.38 11.87
N ASN B 182 5.64 16.51 12.02
CA ASN B 182 6.80 16.52 11.15
C ASN B 182 7.03 15.09 10.66
N CYS B 183 7.17 14.92 9.35
CA CYS B 183 7.41 13.62 8.79
C CYS B 183 8.93 13.45 8.72
N PHE B 184 9.38 12.21 8.89
CA PHE B 184 10.80 11.90 8.85
C PHE B 184 10.88 10.66 8.00
N MET B 185 11.98 10.52 7.28
CA MET B 185 12.14 9.37 6.42
C MET B 185 13.48 8.85 6.65
N LEU B 186 13.49 7.55 6.55
CA LEU B 186 14.65 6.81 6.77
C LEU B 186 15.58 6.83 5.54
N ASP B 187 16.79 7.33 5.76
CA ASP B 187 17.82 7.36 4.72
C ASP B 187 18.56 6.08 5.06
N PRO B 188 18.23 4.99 4.37
CA PRO B 188 18.83 3.67 4.58
C PRO B 188 20.33 3.57 4.54
N ALA B 189 20.95 4.52 3.86
CA ALA B 189 22.39 4.54 3.78
C ALA B 189 22.92 4.96 5.17
N ILE B 190 22.69 6.20 5.61
CA ILE B 190 23.18 6.60 6.95
C ILE B 190 22.33 6.09 8.13
N GLY B 191 21.22 5.45 7.80
CA GLY B 191 20.36 4.91 8.84
C GLY B 191 19.78 5.91 9.84
N GLU B 192 19.40 7.10 9.37
CA GLU B 192 18.82 8.12 10.23
C GLU B 192 17.55 8.58 9.61
N PHE B 193 16.61 8.93 10.46
CA PHE B 193 15.36 9.48 10.02
C PHE B 193 15.77 10.91 9.75
N ILE B 194 15.54 11.33 8.52
CA ILE B 194 15.90 12.67 8.10
C ILE B 194 14.59 13.40 8.00
N LEU B 195 14.62 14.68 8.34
CA LEU B 195 13.44 15.50 8.30
C LEU B 195 13.06 15.86 6.86
N VAL B 196 11.78 15.67 6.51
CA VAL B 196 11.37 16.02 5.16
C VAL B 196 10.17 16.96 5.03
N ASP B 197 9.41 17.15 6.12
CA ASP B 197 8.25 18.04 6.08
C ASP B 197 8.06 18.62 7.46
N ARG B 198 8.05 19.94 7.52
CA ARG B 198 7.89 20.62 8.80
C ARG B 198 6.50 21.14 8.97
N ASN B 199 6.05 21.12 10.21
CA ASN B 199 4.77 21.66 10.61
C ASN B 199 3.68 21.44 9.57
N VAL B 200 3.33 20.17 9.40
CA VAL B 200 2.34 19.72 8.44
C VAL B 200 0.89 20.12 8.86
N LYS B 201 0.08 20.50 7.86
CA LYS B 201 -1.33 20.87 8.05
C LYS B 201 -2.07 20.16 6.92
N ILE B 202 -3.08 19.40 7.30
CA ILE B 202 -3.90 18.63 6.38
C ILE B 202 -4.70 19.54 5.51
N LYS B 203 -5.17 19.01 4.40
CA LYS B 203 -6.02 19.80 3.55
C LYS B 203 -7.28 20.01 4.37
N LYS B 204 -7.94 21.12 4.14
CA LYS B 204 -9.15 21.43 4.86
C LYS B 204 -10.37 20.59 4.43
N LYS B 205 -10.51 20.38 3.12
CA LYS B 205 -11.60 19.60 2.53
C LYS B 205 -10.86 18.55 1.65
N GLY B 206 -11.46 17.38 1.42
CA GLY B 206 -10.81 16.36 0.62
C GLY B 206 -11.65 15.89 -0.56
N SER B 207 -11.32 14.74 -1.14
CA SER B 207 -12.03 14.17 -2.30
C SER B 207 -11.92 12.66 -2.28
N ILE B 208 -11.62 12.12 -1.11
CA ILE B 208 -11.45 10.69 -0.92
C ILE B 208 -12.10 10.26 0.38
N TYR B 209 -12.91 9.22 0.32
CA TYR B 209 -13.51 8.69 1.53
C TYR B 209 -12.94 7.26 1.57
N SER B 210 -12.38 6.87 2.72
CA SER B 210 -11.78 5.56 2.86
C SER B 210 -12.56 4.76 3.93
N ILE B 211 -13.12 3.61 3.56
CA ILE B 211 -13.92 2.77 4.47
C ILE B 211 -14.17 1.40 3.81
N ASN B 212 -14.28 0.35 4.62
CA ASN B 212 -14.51 -1.01 4.10
C ASN B 212 -15.98 -1.25 3.78
N GLU B 213 -16.39 -0.93 2.56
CA GLU B 213 -17.79 -1.12 2.17
C GLU B 213 -18.30 -2.54 2.07
N GLY B 214 -17.49 -3.51 2.51
CA GLY B 214 -17.94 -4.88 2.52
C GLY B 214 -18.99 -4.92 3.61
N TYR B 215 -18.75 -4.10 4.63
CA TYR B 215 -19.64 -3.99 5.78
C TYR B 215 -20.90 -3.14 5.50
N ALA B 216 -21.15 -2.80 4.23
CA ALA B 216 -22.29 -1.96 3.79
C ALA B 216 -23.58 -2.10 4.59
N LYS B 217 -24.01 -3.35 4.72
CA LYS B 217 -25.21 -3.75 5.41
C LYS B 217 -25.31 -3.27 6.86
N GLU B 218 -24.29 -3.58 7.65
CA GLU B 218 -24.27 -3.21 9.07
C GLU B 218 -24.00 -1.75 9.42
N PHE B 219 -23.84 -0.88 8.43
CA PHE B 219 -23.53 0.51 8.72
C PHE B 219 -24.68 1.28 9.32
N ASP B 220 -24.39 2.10 10.33
CA ASP B 220 -25.42 2.93 10.94
C ASP B 220 -25.84 3.94 9.86
N PRO B 221 -27.13 4.32 9.81
CA PRO B 221 -27.62 5.27 8.80
C PRO B 221 -26.87 6.56 8.57
N ALA B 222 -26.23 7.07 9.62
CA ALA B 222 -25.47 8.31 9.49
C ALA B 222 -24.36 8.11 8.49
N ILE B 223 -23.63 7.01 8.67
CA ILE B 223 -22.54 6.66 7.78
C ILE B 223 -23.09 6.44 6.35
N THR B 224 -24.07 5.54 6.23
CA THR B 224 -24.69 5.21 4.95
C THR B 224 -25.14 6.42 4.12
N GLU B 225 -25.80 7.43 4.73
CA GLU B 225 -26.22 8.60 3.95
C GLU B 225 -24.96 9.29 3.43
N TYR B 226 -23.94 9.36 4.29
CA TYR B 226 -22.67 9.99 3.94
C TYR B 226 -22.02 9.32 2.70
N ILE B 227 -21.93 7.98 2.69
CA ILE B 227 -21.34 7.26 1.55
C ILE B 227 -22.07 7.58 0.27
N GLN B 228 -23.40 7.63 0.34
CA GLN B 228 -24.17 7.97 -0.84
C GLN B 228 -23.89 9.45 -1.26
N ARG B 229 -23.64 10.33 -0.28
CA ARG B 229 -23.33 11.74 -0.55
C ARG B 229 -21.99 11.93 -1.18
N LYS B 230 -21.09 10.98 -0.95
CA LYS B 230 -19.78 11.07 -1.55
C LYS B 230 -19.82 10.45 -2.95
N LYS B 231 -20.52 9.33 -3.09
CA LYS B 231 -20.63 8.64 -4.38
C LYS B 231 -21.48 9.37 -5.36
N PHE B 232 -22.65 9.77 -4.89
CA PHE B 232 -23.61 10.46 -5.71
C PHE B 232 -23.76 11.84 -5.06
N PRO B 233 -22.92 12.82 -5.42
CA PRO B 233 -23.06 14.14 -4.80
C PRO B 233 -24.39 14.77 -5.21
N PRO B 234 -25.25 15.15 -4.25
CA PRO B 234 -26.56 15.77 -4.56
C PRO B 234 -26.29 17.12 -5.24
N ASP B 235 -25.37 17.90 -4.65
CA ASP B 235 -24.98 19.20 -5.18
C ASP B 235 -23.97 19.11 -6.36
N ASN B 236 -24.35 18.29 -7.35
CA ASN B 236 -23.62 17.99 -8.59
C ASN B 236 -22.19 18.35 -8.83
N SER B 237 -21.33 17.73 -8.04
CA SER B 237 -19.90 17.88 -8.16
C SER B 237 -19.50 16.52 -8.71
N ALA B 238 -18.26 16.11 -8.47
CA ALA B 238 -17.81 14.81 -8.94
C ALA B 238 -17.71 13.92 -7.71
N PRO B 239 -17.94 12.62 -7.87
CA PRO B 239 -17.88 11.66 -6.75
C PRO B 239 -16.52 11.51 -6.21
N TYR B 240 -16.50 11.40 -4.90
CA TYR B 240 -15.26 11.21 -4.20
C TYR B 240 -14.64 9.91 -4.65
N GLY B 241 -13.32 9.87 -4.62
CA GLY B 241 -12.62 8.66 -5.00
C GLY B 241 -12.53 7.78 -3.80
N ALA B 242 -12.86 6.53 -4.02
CA ALA B 242 -12.81 5.56 -2.95
C ALA B 242 -11.38 5.06 -2.88
N ARG B 243 -10.90 4.86 -1.68
CA ARG B 243 -9.56 4.35 -1.44
C ARG B 243 -9.70 3.52 -0.15
N TYR B 244 -8.72 2.66 0.14
CA TYR B 244 -8.74 1.82 1.33
C TYR B 244 -7.73 0.74 1.17
N VAL B 245 -6.57 0.98 1.72
CA VAL B 245 -5.51 0.01 1.69
C VAL B 245 -5.87 -1.15 2.63
N GLY B 246 -6.62 -0.82 3.69
CA GLY B 246 -7.03 -1.83 4.65
C GLY B 246 -5.93 -2.09 5.65
N SER B 247 -5.22 -1.02 5.96
CA SER B 247 -4.13 -1.01 6.92
C SER B 247 -4.36 0.37 7.47
N MET B 248 -4.50 0.48 8.79
CA MET B 248 -4.74 1.77 9.40
C MET B 248 -3.63 2.77 9.09
N VAL B 249 -2.37 2.35 9.28
CA VAL B 249 -1.24 3.26 9.04
C VAL B 249 -1.28 3.89 7.69
N ALA B 250 -1.47 3.05 6.69
CA ALA B 250 -1.53 3.48 5.31
C ALA B 250 -2.65 4.47 5.01
N ASP B 251 -3.86 4.13 5.44
CA ASP B 251 -5.03 4.97 5.19
C ASP B 251 -4.95 6.30 5.94
N VAL B 252 -4.41 6.30 7.16
CA VAL B 252 -4.27 7.56 7.90
C VAL B 252 -3.33 8.47 7.13
N HIS B 253 -2.15 7.93 6.83
CA HIS B 253 -1.14 8.68 6.12
C HIS B 253 -1.64 9.27 4.78
N ARG B 254 -2.33 8.47 3.95
CA ARG B 254 -2.86 9.01 2.68
C ARG B 254 -3.82 10.14 3.04
N THR B 255 -4.53 9.94 4.16
CA THR B 255 -5.49 10.92 4.65
C THR B 255 -4.77 12.18 5.11
N LEU B 256 -3.69 12.01 5.87
CA LEU B 256 -2.93 13.14 6.39
C LEU B 256 -2.40 14.08 5.34
N VAL B 257 -1.81 13.50 4.32
CA VAL B 257 -1.20 14.29 3.26
C VAL B 257 -2.16 14.79 2.18
N TYR B 258 -2.94 13.87 1.59
CA TYR B 258 -3.86 14.22 0.52
C TYR B 258 -5.20 14.68 1.01
N GLY B 259 -5.36 14.67 2.33
CA GLY B 259 -6.64 15.05 2.87
C GLY B 259 -7.49 13.81 2.75
N GLY B 260 -8.81 13.96 2.82
CA GLY B 260 -9.68 12.79 2.71
C GLY B 260 -10.26 12.48 4.08
N ILE B 261 -11.27 11.60 4.11
CA ILE B 261 -11.91 11.20 5.35
C ILE B 261 -11.74 9.71 5.46
N PHE B 262 -11.35 9.28 6.63
CA PHE B 262 -11.18 7.88 6.88
C PHE B 262 -12.19 7.51 7.95
N MET B 263 -12.95 6.44 7.72
CA MET B 263 -13.97 6.04 8.67
C MET B 263 -14.00 4.61 8.97
N TYR B 264 -13.87 4.32 10.24
CA TYR B 264 -14.08 2.97 10.62
C TYR B 264 -15.11 3.17 11.72
N PRO B 265 -16.39 3.34 11.34
CA PRO B 265 -17.44 3.54 12.33
C PRO B 265 -17.74 2.15 12.86
N ALA B 266 -18.68 2.05 13.79
CA ALA B 266 -19.02 0.75 14.33
C ALA B 266 -20.15 0.21 13.51
N ASN B 267 -20.27 -1.09 13.52
CA ASN B 267 -21.34 -1.78 12.83
C ASN B 267 -21.82 -2.72 14.00
N LYS B 268 -22.50 -3.84 13.76
CA LYS B 268 -22.87 -4.73 14.91
C LYS B 268 -21.79 -5.78 15.10
N LYS B 269 -21.15 -6.19 14.01
CA LYS B 269 -20.10 -7.20 14.04
C LYS B 269 -18.97 -6.84 14.99
N SER B 270 -18.60 -5.57 14.95
CA SER B 270 -17.61 -5.00 15.83
C SER B 270 -18.49 -3.87 16.30
N PRO B 271 -19.44 -4.16 17.21
CA PRO B 271 -20.39 -3.18 17.75
C PRO B 271 -19.92 -1.84 18.34
N LYS B 272 -18.74 -1.79 18.98
CA LYS B 272 -18.24 -0.52 19.49
C LYS B 272 -16.98 -0.23 18.66
N GLY B 273 -17.00 -0.68 17.39
CA GLY B 273 -15.91 -0.51 16.45
C GLY B 273 -14.83 -1.59 16.59
N LYS B 274 -13.74 -1.45 15.82
CA LYS B 274 -12.65 -2.44 15.82
C LYS B 274 -11.33 -1.93 16.36
N LEU B 275 -11.04 -0.65 16.14
CA LEU B 275 -9.77 -0.09 16.57
C LEU B 275 -9.71 0.26 18.06
N ARG B 276 -8.71 -0.32 18.73
CA ARG B 276 -8.53 -0.06 20.15
C ARG B 276 -8.12 1.39 20.28
N LEU B 277 -8.70 2.04 21.27
CA LEU B 277 -8.53 3.47 21.54
C LEU B 277 -7.10 3.80 21.87
N LEU B 278 -6.68 3.22 22.96
CA LEU B 278 -5.38 3.38 23.56
C LEU B 278 -4.16 3.60 22.74
N TYR B 279 -3.94 2.73 21.76
CA TYR B 279 -2.76 2.84 20.95
C TYR B 279 -3.03 2.82 19.46
N GLU B 280 -4.29 2.97 19.08
CA GLU B 280 -4.62 3.01 17.69
C GLU B 280 -5.38 4.33 17.48
N CYS B 281 -6.69 4.31 17.74
CA CYS B 281 -7.53 5.49 17.59
C CYS B 281 -6.96 6.75 18.18
N ASN B 282 -6.42 6.65 19.38
CA ASN B 282 -5.87 7.83 20.01
C ASN B 282 -4.56 8.44 19.35
N PRO B 283 -3.42 7.70 19.29
CA PRO B 283 -2.21 8.27 18.66
C PRO B 283 -2.53 8.89 17.30
N MET B 284 -3.33 8.19 16.51
CA MET B 284 -3.72 8.71 15.21
C MET B 284 -4.50 10.00 15.35
N ALA B 285 -5.57 9.95 16.12
CA ALA B 285 -6.43 11.10 16.36
C ALA B 285 -5.62 12.32 16.83
N TYR B 286 -4.58 12.11 17.63
CA TYR B 286 -3.74 13.21 18.13
C TYR B 286 -2.94 13.79 16.94
N VAL B 287 -2.27 12.90 16.19
CA VAL B 287 -1.48 13.27 15.02
C VAL B 287 -2.41 14.13 14.14
N MET B 288 -3.57 13.58 13.84
CA MET B 288 -4.62 14.23 13.08
C MET B 288 -4.96 15.64 13.58
N GLU B 289 -5.40 15.75 14.84
CA GLU B 289 -5.79 17.05 15.38
C GLU B 289 -4.67 18.11 15.34
N LYS B 290 -3.44 17.74 15.66
CA LYS B 290 -2.30 18.67 15.62
C LYS B 290 -2.06 19.16 14.21
N ALA B 291 -2.59 18.43 13.23
CA ALA B 291 -2.46 18.80 11.83
C ALA B 291 -3.73 19.46 11.29
N GLY B 292 -4.57 19.98 12.18
CA GLY B 292 -5.81 20.63 11.75
C GLY B 292 -6.86 19.62 11.27
N GLY B 293 -6.92 18.44 11.88
CA GLY B 293 -7.89 17.43 11.48
C GLY B 293 -8.68 16.89 12.65
N LEU B 294 -10.00 16.84 12.52
CA LEU B 294 -10.85 16.33 13.60
C LEU B 294 -10.77 14.83 13.69
N ALA B 295 -11.16 14.33 14.85
CA ALA B 295 -11.19 12.91 15.10
C ALA B 295 -12.24 12.66 16.16
N THR B 296 -13.26 11.89 15.80
CA THR B 296 -14.37 11.63 16.68
C THR B 296 -14.83 10.21 16.56
N THR B 297 -15.65 9.84 17.52
CA THR B 297 -16.19 8.51 17.58
C THR B 297 -17.48 8.52 16.80
N GLY B 298 -18.02 9.72 16.67
CA GLY B 298 -19.28 9.92 16.02
C GLY B 298 -20.06 10.83 16.96
N LYS B 299 -20.01 10.56 18.28
CA LYS B 299 -20.69 11.44 19.23
C LYS B 299 -19.67 12.43 19.80
N GLU B 300 -18.65 11.88 20.45
CA GLU B 300 -17.61 12.69 21.08
C GLU B 300 -16.26 12.51 20.41
N ALA B 301 -15.37 13.47 20.60
CA ALA B 301 -14.02 13.42 20.04
C ALA B 301 -13.29 12.24 20.68
N VAL B 302 -12.46 11.57 19.89
CA VAL B 302 -11.72 10.41 20.39
C VAL B 302 -10.70 10.78 21.48
N LEU B 303 -10.22 12.03 21.49
CA LEU B 303 -9.24 12.48 22.49
C LEU B 303 -9.76 12.82 23.90
N ASP B 304 -11.08 12.76 24.12
CA ASP B 304 -11.63 13.10 25.44
C ASP B 304 -12.34 11.91 26.12
N ILE B 305 -12.44 10.75 25.46
CA ILE B 305 -13.10 9.57 26.04
C ILE B 305 -12.19 9.16 27.21
N VAL B 306 -12.75 8.90 28.39
CA VAL B 306 -11.91 8.48 29.51
C VAL B 306 -11.73 7.01 29.29
N PRO B 307 -10.48 6.61 29.07
CA PRO B 307 -10.09 5.22 28.82
C PRO B 307 -10.15 4.35 30.07
N THR B 308 -10.92 3.27 29.99
CA THR B 308 -11.08 2.38 31.11
C THR B 308 -10.43 1.03 31.11
N ASP B 309 -10.25 0.48 29.93
CA ASP B 309 -9.59 -0.80 29.81
C ASP B 309 -8.55 -0.46 28.73
N ILE B 310 -7.29 -0.85 28.94
CA ILE B 310 -6.24 -0.56 27.97
C ILE B 310 -6.55 -1.09 26.61
N HIS B 311 -7.42 -2.07 26.58
CA HIS B 311 -7.83 -2.66 25.33
C HIS B 311 -9.28 -2.22 24.98
N GLN B 312 -9.69 -1.07 25.53
CA GLN B 312 -11.02 -0.50 25.29
C GLN B 312 -11.05 -0.03 23.82
N ARG B 313 -12.06 -0.43 23.05
CA ARG B 313 -12.20 -0.04 21.63
C ARG B 313 -13.01 1.25 21.50
N ALA B 314 -13.02 1.85 20.31
CA ALA B 314 -13.72 3.12 20.05
C ALA B 314 -13.88 3.36 18.50
N PRO B 315 -14.98 3.96 18.02
CA PRO B 315 -15.11 4.21 16.57
C PRO B 315 -14.25 5.40 16.34
N ILE B 316 -13.85 5.61 15.11
CA ILE B 316 -13.01 6.73 14.83
C ILE B 316 -13.24 7.15 13.42
N ILE B 317 -13.37 8.44 13.29
CA ILE B 317 -13.54 9.09 12.03
C ILE B 317 -12.53 10.19 12.12
N LEU B 318 -11.60 10.21 11.18
CA LEU B 318 -10.57 11.21 11.18
C LEU B 318 -10.37 11.77 9.81
N GLY B 319 -9.62 12.85 9.76
CA GLY B 319 -9.36 13.48 8.48
C GLY B 319 -9.64 14.95 8.48
N SER B 320 -9.75 15.47 7.27
CA SER B 320 -9.99 16.88 7.05
C SER B 320 -11.19 17.39 7.76
N PRO B 321 -11.00 18.49 8.48
CA PRO B 321 -12.07 19.10 9.23
C PRO B 321 -13.44 19.21 8.54
N GLU B 322 -13.48 19.90 7.40
CA GLU B 322 -14.73 20.08 6.68
C GLU B 322 -15.47 18.83 6.26
N ASP B 323 -14.86 17.67 6.39
CA ASP B 323 -15.52 16.41 6.05
C ASP B 323 -16.00 15.76 7.34
N VAL B 324 -15.13 15.75 8.35
CA VAL B 324 -15.50 15.19 9.66
C VAL B 324 -16.80 15.85 10.03
N THR B 325 -16.77 17.17 9.91
CA THR B 325 -17.88 18.05 10.17
C THR B 325 -19.07 17.71 9.21
N GLU B 326 -18.84 17.56 7.89
CA GLU B 326 -19.95 17.22 6.95
C GLU B 326 -20.61 15.91 7.42
N LEU B 327 -19.87 15.08 8.16
CA LEU B 327 -20.42 13.83 8.68
C LEU B 327 -21.04 14.01 10.09
N LEU B 328 -20.42 14.84 10.96
CA LEU B 328 -20.95 15.06 12.32
C LEU B 328 -22.35 15.69 12.21
N GLU B 329 -22.54 16.59 11.24
CA GLU B 329 -23.86 17.20 11.06
C GLU B 329 -24.83 16.03 10.92
N ILE B 330 -24.53 15.18 9.94
CA ILE B 330 -25.33 14.02 9.60
C ILE B 330 -25.59 13.13 10.81
N TYR B 331 -24.57 12.94 11.64
CA TYR B 331 -24.73 12.13 12.83
C TYR B 331 -25.70 12.81 13.81
N GLN B 332 -25.55 14.13 13.95
CA GLN B 332 -26.41 14.92 14.83
C GLN B 332 -27.87 14.90 14.40
N LYS B 333 -28.04 14.88 13.09
CA LYS B 333 -29.31 14.88 12.39
C LYS B 333 -29.94 13.48 12.36
N HIS B 334 -29.55 12.60 13.29
CA HIS B 334 -30.08 11.23 13.33
C HIS B 334 -30.48 10.66 14.68
N ALA B 335 -30.01 11.30 15.73
CA ALA B 335 -30.29 10.83 17.07
C ALA B 335 -31.57 11.46 17.62
TL TL C . 0.16 3.07 -15.97
TL TL D . 3.31 5.05 -14.92
TL TL E . -3.27 2.99 -14.78
TL TL F . -3.86 -2.95 15.74
TL TL G . -0.96 -5.47 15.27
TL TL H . -6.81 -2.40 13.72
#